data_5MRJ
#
_entry.id   5MRJ
#
_cell.length_a   88.210
_cell.length_b   124.828
_cell.length_c   165.575
_cell.angle_alpha   90.00
_cell.angle_beta   90.00
_cell.angle_gamma   90.00
#
_symmetry.space_group_name_H-M   'I 2 2 2'
#
loop_
_entity.id
_entity.type
_entity.pdbx_description
1 polymer Beta-xylanase
2 non-polymer 'SULFATE ION'
3 water water
#
_entity_poly.entity_id   1
_entity_poly.type   'polypeptide(L)'
_entity_poly.pdbx_seq_one_letter_code
;MHTRALALALALAAAPAAVFAQSPIWGQCGGNGWPGPYTCVSGTVCKVVKSNPWLTTPPSDWYHQCVPGTGDPDPDPEDP
EDPTDPEDPGTGNGELHDKFVAKGKLFFGTEIDHYHLNNQPLTNIVKSSFGQVTHENSMKWDAIEPSRGRFSWGNADAVV
DFAVANGKMIRGHTLVWHSQLPDWVKQINDRNTLTQVIEDHVTAMVTRYKGKIVHWDVVNEIFSEDGNLRDSVFSRVLGE
DFVGIAFRAARAADPNAKLYINDYNLDNANYAKVTRGMVEKVNRWVSQGVPIDGIGSQCHLAAPGGWNPASQVPGALRAL
AGANVKEIAVTELDIAGAAANDYLTVMNACLQIEKCVGITVWGVSDKDSWRQGDNPLLFDNNYQPKAAYHALVNAL
;
_entity_poly.pdbx_strand_id   A,B
#
# COMPACT_ATOMS: atom_id res chain seq x y z
N GLY A 90 31.64 22.19 -22.50
CA GLY A 90 30.82 22.92 -23.47
C GLY A 90 29.31 22.68 -23.42
N THR A 91 28.89 21.68 -22.62
CA THR A 91 27.46 21.38 -22.38
C THR A 91 27.33 20.76 -20.98
N GLY A 92 27.29 21.63 -19.96
CA GLY A 92 27.15 21.19 -18.58
C GLY A 92 28.41 20.48 -18.08
N ASN A 93 28.20 19.38 -17.36
CA ASN A 93 29.29 18.44 -17.14
C ASN A 93 29.30 17.48 -18.34
N GLY A 94 29.93 16.33 -18.21
CA GLY A 94 29.83 15.49 -19.39
C GLY A 94 28.61 14.61 -19.44
N GLU A 95 27.72 14.68 -18.46
CA GLU A 95 26.86 13.53 -18.20
C GLU A 95 25.46 13.69 -18.79
N LEU A 96 24.61 12.70 -18.50
CA LEU A 96 23.46 12.37 -19.33
C LEU A 96 22.47 13.52 -19.44
N HIS A 97 21.98 14.01 -18.30
CA HIS A 97 20.89 14.99 -18.31
C HIS A 97 21.31 16.30 -19.00
N ASP A 98 22.58 16.71 -18.84
CA ASP A 98 22.97 17.98 -19.44
C ASP A 98 23.09 17.85 -20.95
N LYS A 99 23.56 16.70 -21.43
CA LYS A 99 23.66 16.48 -22.87
C LYS A 99 22.28 16.29 -23.48
N PHE A 100 21.42 15.54 -22.78
CA PHE A 100 20.04 15.34 -23.24
C PHE A 100 19.32 16.68 -23.41
N VAL A 101 19.41 17.54 -22.40
CA VAL A 101 18.74 18.84 -22.40
C VAL A 101 19.29 19.76 -23.48
N ALA A 102 20.59 19.65 -23.77
CA ALA A 102 21.20 20.41 -24.86
C ALA A 102 20.54 20.12 -26.21
N LYS A 103 19.96 18.94 -26.41
CA LYS A 103 19.31 18.64 -27.69
C LYS A 103 17.89 19.20 -27.77
N GLY A 104 17.42 19.89 -26.72
CA GLY A 104 16.11 20.49 -26.73
C GLY A 104 15.07 19.86 -25.82
N LYS A 105 15.45 18.92 -24.96
CA LYS A 105 14.53 18.24 -24.06
C LYS A 105 14.56 18.84 -22.66
N LEU A 106 13.57 18.50 -21.85
CA LEU A 106 13.44 19.10 -20.53
C LEU A 106 14.23 18.36 -19.45
N PHE A 107 14.19 17.02 -19.42
CA PHE A 107 14.96 16.32 -18.41
C PHE A 107 15.24 14.87 -18.78
N PHE A 108 16.32 14.35 -18.21
CA PHE A 108 16.55 12.92 -18.07
C PHE A 108 16.75 12.68 -16.57
N GLY A 109 15.72 12.14 -15.91
CA GLY A 109 15.72 11.95 -14.48
C GLY A 109 15.75 10.50 -14.06
N THR A 110 15.72 10.29 -12.74
CA THR A 110 15.68 8.95 -12.18
C THR A 110 14.70 8.92 -11.02
N GLU A 111 14.53 7.74 -10.43
CA GLU A 111 13.64 7.58 -9.28
C GLU A 111 14.48 7.43 -8.01
N ILE A 112 14.02 8.04 -6.93
CA ILE A 112 14.59 7.86 -5.59
C ILE A 112 13.47 7.95 -4.57
N ASP A 113 13.83 7.70 -3.32
CA ASP A 113 12.95 7.98 -2.20
C ASP A 113 13.81 8.27 -0.96
N HIS A 114 13.14 8.48 0.17
CA HIS A 114 13.82 8.99 1.36
C HIS A 114 14.87 8.01 1.88
N TYR A 115 14.61 6.72 1.73
CA TYR A 115 15.56 5.70 2.17
C TYR A 115 16.79 5.60 1.27
N HIS A 116 16.94 6.47 0.28
CA HIS A 116 18.17 6.60 -0.47
C HIS A 116 18.93 7.88 -0.15
N LEU A 117 18.40 8.75 0.73
CA LEU A 117 19.02 10.05 0.91
C LEU A 117 20.36 9.97 1.62
N ASN A 118 20.59 8.93 2.43
CA ASN A 118 21.85 8.75 3.13
C ASN A 118 22.84 7.87 2.38
N ASN A 119 22.50 7.46 1.15
CA ASN A 119 23.38 6.70 0.26
C ASN A 119 24.12 7.68 -0.66
N GLN A 120 25.39 7.97 -0.35
CA GLN A 120 26.20 8.97 -1.05
C GLN A 120 26.61 8.58 -2.48
N PRO A 121 26.94 7.31 -2.77
CA PRO A 121 27.12 6.94 -4.20
C PRO A 121 25.88 7.21 -5.01
N LEU A 122 24.72 6.82 -4.47
CA LEU A 122 23.44 7.06 -5.13
C LEU A 122 23.16 8.54 -5.31
N THR A 123 23.33 9.33 -4.23
CA THR A 123 22.94 10.73 -4.30
C THR A 123 23.92 11.57 -5.11
N ASN A 124 25.17 11.12 -5.27
CA ASN A 124 26.10 11.87 -6.12
C ASN A 124 25.74 11.70 -7.59
N ILE A 125 25.28 10.51 -7.98
CA ILE A 125 24.91 10.26 -9.37
C ILE A 125 23.68 11.07 -9.74
N VAL A 126 22.72 11.16 -8.82
CA VAL A 126 21.56 12.02 -9.01
C VAL A 126 21.99 13.46 -9.20
N LYS A 127 22.98 13.92 -8.43
CA LYS A 127 23.43 15.31 -8.53
C LYS A 127 24.12 15.58 -9.85
N SER A 128 25.01 14.68 -10.28
CA SER A 128 25.87 14.91 -11.44
C SER A 128 25.30 14.41 -12.77
N SER A 129 24.42 13.40 -12.80
CA SER A 129 23.96 12.82 -14.07
C SER A 129 22.47 12.98 -14.36
N PHE A 130 21.63 13.24 -13.36
CA PHE A 130 20.20 13.36 -13.57
C PHE A 130 19.70 14.75 -13.18
N GLY A 131 18.60 15.20 -13.81
CA GLY A 131 18.06 16.52 -13.61
C GLY A 131 16.66 16.56 -13.02
N GLN A 132 16.11 15.41 -12.69
CA GLN A 132 14.74 15.30 -12.23
C GLN A 132 14.63 14.05 -11.38
N VAL A 133 13.68 14.06 -10.43
CA VAL A 133 13.41 12.91 -9.58
C VAL A 133 11.90 12.68 -9.48
N THR A 134 11.55 11.42 -9.18
CA THR A 134 10.19 10.97 -8.86
C THR A 134 10.24 10.17 -7.58
N HIS A 135 9.25 10.33 -6.71
CA HIS A 135 9.21 9.55 -5.48
C HIS A 135 8.85 8.09 -5.78
N GLU A 136 9.61 7.13 -5.23
CA GLU A 136 9.27 5.72 -5.52
C GLU A 136 8.02 5.27 -4.77
N ASN A 137 7.85 5.70 -3.54
CA ASN A 137 6.70 5.23 -2.75
C ASN A 137 6.08 6.29 -1.85
N SER A 138 6.79 7.33 -1.42
CA SER A 138 6.25 8.13 -0.33
C SER A 138 5.24 9.18 -0.79
N MET A 139 4.88 9.24 -2.07
CA MET A 139 3.75 10.07 -2.47
C MET A 139 2.51 9.27 -2.87
N LYS A 140 2.47 7.95 -2.61
CA LYS A 140 1.27 7.18 -2.92
C LYS A 140 0.23 7.37 -1.83
N TRP A 141 -1.02 6.99 -2.12
CA TRP A 141 -2.14 7.40 -1.28
C TRP A 141 -1.97 6.92 0.15
N ASP A 142 -1.66 5.62 0.35
CA ASP A 142 -1.58 5.06 1.70
C ASP A 142 -0.39 5.58 2.51
N ALA A 143 0.64 6.14 1.86
CA ALA A 143 1.73 6.80 2.58
C ALA A 143 1.46 8.26 2.85
N ILE A 144 0.59 8.89 2.07
CA ILE A 144 0.28 10.29 2.25
C ILE A 144 -0.92 10.49 3.18
N GLU A 145 -2.02 9.77 2.93
CA GLU A 145 -3.26 9.91 3.72
C GLU A 145 -3.72 8.54 4.22
N PRO A 146 -3.05 7.99 5.24
CA PRO A 146 -3.37 6.61 5.68
C PRO A 146 -4.73 6.46 6.34
N SER A 147 -5.22 7.50 7.01
CA SER A 147 -6.59 7.57 7.49
C SER A 147 -7.16 8.90 7.02
N ARG A 148 -8.46 8.95 6.73
CA ARG A 148 -9.06 10.14 6.12
C ARG A 148 -8.71 11.42 6.88
N GLY A 149 -8.03 12.35 6.20
CA GLY A 149 -7.67 13.63 6.82
C GLY A 149 -6.45 13.62 7.69
N ARG A 150 -5.75 12.49 7.79
CA ARG A 150 -4.47 12.36 8.47
C ARG A 150 -3.40 12.32 7.41
N PHE A 151 -2.64 13.40 7.27
CA PHE A 151 -1.60 13.50 6.26
C PHE A 151 -0.24 13.36 6.93
N SER A 152 0.63 12.54 6.34
CA SER A 152 1.97 12.32 6.84
C SER A 152 2.93 12.75 5.74
N TRP A 153 3.50 13.95 5.91
CA TRP A 153 4.23 14.63 4.86
C TRP A 153 5.73 14.41 4.88
N GLY A 154 6.27 13.85 5.96
CA GLY A 154 7.71 13.93 6.22
C GLY A 154 8.58 13.26 5.17
N ASN A 155 8.23 12.02 4.81
CA ASN A 155 9.05 11.31 3.82
C ASN A 155 8.99 11.96 2.45
N ALA A 156 7.81 12.36 2.02
CA ALA A 156 7.71 13.07 0.77
C ALA A 156 8.49 14.38 0.83
N ASP A 157 8.39 15.14 1.94
CA ASP A 157 9.07 16.45 2.01
C ASP A 157 10.58 16.32 1.91
N ALA A 158 11.14 15.25 2.50
CA ALA A 158 12.60 15.04 2.52
C ALA A 158 13.15 14.93 1.11
N VAL A 159 12.47 14.15 0.25
CA VAL A 159 12.84 14.03 -1.15
C VAL A 159 12.67 15.37 -1.87
N VAL A 160 11.55 16.06 -1.63
CA VAL A 160 11.31 17.33 -2.29
C VAL A 160 12.38 18.36 -1.90
N ASP A 161 12.68 18.47 -0.59
CA ASP A 161 13.72 19.42 -0.15
C ASP A 161 15.04 19.10 -0.83
N PHE A 162 15.42 17.82 -0.83
CA PHE A 162 16.63 17.41 -1.52
C PHE A 162 16.61 17.87 -2.97
N ALA A 163 15.48 17.67 -3.67
CA ALA A 163 15.39 17.99 -5.09
C ALA A 163 15.54 19.48 -5.35
N VAL A 164 14.82 20.31 -4.59
CA VAL A 164 14.86 21.73 -4.88
C VAL A 164 16.17 22.34 -4.42
N ALA A 165 16.78 21.77 -3.36
CA ALA A 165 18.08 22.28 -2.91
C ALA A 165 19.13 22.02 -3.96
N ASN A 166 18.97 20.94 -4.72
CA ASN A 166 19.94 20.60 -5.73
C ASN A 166 19.47 20.97 -7.14
N GLY A 167 18.38 21.71 -7.27
CA GLY A 167 17.96 22.20 -8.57
C GLY A 167 17.44 21.13 -9.50
N LYS A 168 16.84 20.08 -8.94
CA LYS A 168 16.23 19.00 -9.71
C LYS A 168 14.74 19.23 -9.83
N MET A 169 14.19 18.98 -11.01
CA MET A 169 12.74 18.94 -11.19
C MET A 169 12.15 17.71 -10.51
N ILE A 170 10.83 17.77 -10.25
CA ILE A 170 10.10 16.75 -9.52
C ILE A 170 8.83 16.40 -10.26
N ARG A 171 8.68 15.12 -10.63
CA ARG A 171 7.40 14.58 -11.09
C ARG A 171 6.69 14.01 -9.86
N GLY A 172 5.47 14.47 -9.61
CA GLY A 172 4.69 13.97 -8.48
C GLY A 172 3.94 12.68 -8.82
N HIS A 173 4.11 11.65 -8.00
CA HIS A 173 3.68 10.30 -8.34
C HIS A 173 3.22 9.54 -7.10
N THR A 174 1.92 9.33 -6.92
CA THR A 174 0.88 9.67 -7.89
C THR A 174 -0.41 9.94 -7.14
N LEU A 175 -1.34 10.67 -7.76
CA LEU A 175 -2.46 11.22 -6.98
C LEU A 175 -3.58 10.21 -6.80
N VAL A 176 -4.00 9.56 -7.89
CA VAL A 176 -5.12 8.64 -7.86
C VAL A 176 -4.67 7.33 -8.50
N TRP A 177 -4.75 6.24 -7.73
CA TRP A 177 -4.28 4.93 -8.13
C TRP A 177 -5.09 3.86 -7.39
N HIS A 178 -5.33 2.72 -8.07
CA HIS A 178 -6.01 1.58 -7.43
C HIS A 178 -5.08 0.79 -6.51
N SER A 179 -3.77 0.83 -6.73
CA SER A 179 -2.78 0.06 -6.00
C SER A 179 -2.25 0.84 -4.79
N GLN A 180 -1.80 0.11 -3.78
CA GLN A 180 -1.37 0.67 -2.48
C GLN A 180 -2.31 1.79 -2.03
N LEU A 181 -3.59 1.43 -1.96
CA LEU A 181 -4.69 2.33 -1.71
C LEU A 181 -5.36 1.99 -0.38
N PRO A 182 -5.51 2.94 0.52
CA PRO A 182 -5.99 2.61 1.87
C PRO A 182 -7.36 1.96 1.83
N ASP A 183 -7.62 1.12 2.83
CA ASP A 183 -8.88 0.40 2.91
C ASP A 183 -10.05 1.31 3.23
N TRP A 184 -9.79 2.50 3.81
CA TRP A 184 -10.86 3.43 4.13
C TRP A 184 -11.48 4.10 2.88
N VAL A 185 -10.75 4.20 1.77
CA VAL A 185 -11.38 4.76 0.57
C VAL A 185 -12.19 3.70 -0.18
N LYS A 186 -11.74 2.44 -0.21
CA LYS A 186 -12.52 1.41 -0.87
C LYS A 186 -13.87 1.19 -0.20
N GLN A 187 -14.04 1.68 1.03
CA GLN A 187 -15.31 1.52 1.72
C GLN A 187 -16.36 2.48 1.16
N ILE A 188 -15.97 3.70 0.81
CA ILE A 188 -16.94 4.70 0.36
C ILE A 188 -17.46 4.33 -1.02
N ASN A 189 -18.78 4.23 -1.16
CA ASN A 189 -19.41 3.98 -2.45
C ASN A 189 -20.45 5.03 -2.82
N ASP A 190 -20.72 6.00 -1.95
CA ASP A 190 -21.54 7.17 -2.30
C ASP A 190 -20.75 8.07 -3.25
N ARG A 191 -21.28 8.28 -4.46
CA ARG A 191 -20.53 8.98 -5.49
C ARG A 191 -20.09 10.36 -5.03
N ASN A 192 -20.91 11.04 -4.22
CA ASN A 192 -20.53 12.37 -3.72
C ASN A 192 -19.31 12.29 -2.83
N THR A 193 -19.35 11.40 -1.84
CA THR A 193 -18.27 11.33 -0.86
C THR A 193 -16.96 10.93 -1.52
N LEU A 194 -16.98 9.90 -2.38
CA LEU A 194 -15.79 9.53 -3.15
C LEU A 194 -15.27 10.71 -3.98
N THR A 195 -16.17 11.50 -4.57
CA THR A 195 -15.74 12.69 -5.29
C THR A 195 -15.09 13.69 -4.35
N GLN A 196 -15.71 13.92 -3.19
CA GLN A 196 -15.12 14.79 -2.17
C GLN A 196 -13.76 14.26 -1.71
N VAL A 197 -13.70 12.97 -1.36
CA VAL A 197 -12.44 12.36 -0.93
C VAL A 197 -11.35 12.60 -1.97
N ILE A 198 -11.70 12.45 -3.25
CA ILE A 198 -10.70 12.58 -4.29
C ILE A 198 -10.20 14.01 -4.38
N GLU A 199 -11.12 14.97 -4.33
CA GLU A 199 -10.72 16.37 -4.36
C GLU A 199 -9.88 16.70 -3.15
N ASP A 200 -10.36 16.35 -1.95
CA ASP A 200 -9.59 16.57 -0.73
C ASP A 200 -8.16 16.06 -0.88
N HIS A 201 -8.02 14.77 -1.22
CA HIS A 201 -6.69 14.21 -1.43
C HIS A 201 -5.90 14.98 -2.48
N VAL A 202 -6.50 15.20 -3.65
CA VAL A 202 -5.79 15.88 -4.74
C VAL A 202 -5.42 17.29 -4.32
N THR A 203 -6.30 17.96 -3.58
CA THR A 203 -6.04 19.37 -3.26
C THR A 203 -5.00 19.51 -2.17
N ALA A 204 -4.92 18.53 -1.26
CA ALA A 204 -3.94 18.61 -0.18
C ALA A 204 -2.53 18.47 -0.73
N MET A 205 -2.32 17.49 -1.62
CA MET A 205 -0.99 17.23 -2.15
C MET A 205 -0.54 18.36 -3.05
N VAL A 206 -1.37 18.72 -4.04
CA VAL A 206 -0.98 19.65 -5.09
C VAL A 206 -0.73 21.04 -4.51
N THR A 207 -1.53 21.44 -3.53
CA THR A 207 -1.31 22.75 -2.90
C THR A 207 -0.01 22.76 -2.09
N ARG A 208 0.24 21.71 -1.30
CA ARG A 208 1.42 21.74 -0.44
C ARG A 208 2.69 21.91 -1.26
N TYR A 209 2.77 21.25 -2.42
CA TYR A 209 3.98 21.29 -3.23
C TYR A 209 3.87 22.29 -4.37
N LYS A 210 2.94 23.24 -4.26
CA LYS A 210 2.62 24.16 -5.35
C LYS A 210 3.84 24.91 -5.83
N GLY A 211 4.07 24.90 -7.14
CA GLY A 211 5.19 25.60 -7.73
C GLY A 211 6.47 24.80 -7.77
N LYS A 212 6.58 23.72 -7.01
CA LYS A 212 7.75 22.85 -6.99
C LYS A 212 7.62 21.62 -7.88
N ILE A 213 6.49 21.41 -8.56
CA ILE A 213 6.19 20.14 -9.22
C ILE A 213 5.97 20.39 -10.72
N VAL A 214 6.85 19.81 -11.56
CA VAL A 214 6.74 20.05 -12.99
C VAL A 214 5.60 19.23 -13.62
N HIS A 215 5.49 17.95 -13.27
CA HIS A 215 4.40 17.11 -13.74
C HIS A 215 3.77 16.40 -12.53
N TRP A 216 2.45 16.27 -12.53
CA TRP A 216 1.76 15.34 -11.64
C TRP A 216 1.16 14.22 -12.47
N ASP A 217 1.45 12.96 -12.11
CA ASP A 217 0.67 11.81 -12.58
C ASP A 217 -0.67 11.89 -11.86
N VAL A 218 -1.65 12.53 -12.48
CA VAL A 218 -2.93 12.72 -11.80
C VAL A 218 -3.64 11.37 -11.60
N VAL A 219 -3.70 10.54 -12.65
CA VAL A 219 -4.24 9.18 -12.50
C VAL A 219 -3.19 8.21 -13.01
N ASN A 220 -3.14 7.04 -12.38
CA ASN A 220 -2.15 6.02 -12.72
C ASN A 220 -2.85 4.70 -12.98
N GLU A 221 -2.51 4.06 -14.11
CA GLU A 221 -2.83 2.65 -14.34
C GLU A 221 -4.34 2.37 -14.36
N ILE A 222 -5.10 3.22 -15.06
CA ILE A 222 -6.56 3.06 -15.00
C ILE A 222 -7.11 2.20 -16.13
N PHE A 223 -6.28 1.61 -16.98
CA PHE A 223 -6.77 0.82 -18.10
C PHE A 223 -6.52 -0.66 -17.90
N SER A 224 -7.53 -1.47 -18.29
CA SER A 224 -7.38 -2.90 -18.52
C SER A 224 -6.54 -3.17 -19.77
N GLU A 225 -5.96 -4.36 -19.84
CA GLU A 225 -5.11 -4.69 -20.98
C GLU A 225 -5.85 -4.61 -22.32
N ASP A 226 -7.18 -4.55 -22.31
CA ASP A 226 -7.96 -4.47 -23.55
C ASP A 226 -8.46 -3.06 -23.85
N GLY A 227 -8.33 -2.13 -22.91
CA GLY A 227 -8.60 -0.73 -23.18
C GLY A 227 -9.78 -0.14 -22.46
N ASN A 228 -10.51 -0.89 -21.62
CA ASN A 228 -11.53 -0.28 -20.80
C ASN A 228 -10.99 0.02 -19.42
N LEU A 229 -11.78 0.73 -18.63
CA LEU A 229 -11.37 1.09 -17.28
C LEU A 229 -11.19 -0.17 -16.43
N ARG A 230 -10.05 -0.29 -15.78
CA ARG A 230 -9.83 -1.40 -14.87
C ARG A 230 -10.79 -1.30 -13.69
N ASP A 231 -11.10 -2.43 -13.07
CA ASP A 231 -12.04 -2.42 -11.95
C ASP A 231 -11.38 -1.89 -10.69
N SER A 232 -12.02 -0.90 -10.06
CA SER A 232 -11.52 -0.34 -8.80
C SER A 232 -12.67 0.45 -8.18
N VAL A 233 -12.52 0.81 -6.90
CA VAL A 233 -13.55 1.65 -6.29
C VAL A 233 -13.80 2.89 -7.14
N PHE A 234 -12.76 3.43 -7.77
CA PHE A 234 -12.92 4.60 -8.62
C PHE A 234 -13.81 4.30 -9.83
N SER A 235 -13.43 3.29 -10.64
CA SER A 235 -14.21 3.00 -11.85
C SER A 235 -15.59 2.43 -11.53
N ARG A 236 -15.71 1.62 -10.46
CA ARG A 236 -17.02 1.15 -10.03
C ARG A 236 -17.92 2.31 -9.63
N VAL A 237 -17.50 3.10 -8.63
CA VAL A 237 -18.41 4.11 -8.07
C VAL A 237 -18.66 5.24 -9.06
N LEU A 238 -17.63 5.69 -9.79
CA LEU A 238 -17.78 6.90 -10.60
C LEU A 238 -17.65 6.65 -12.09
N GLY A 239 -17.34 5.42 -12.50
CA GLY A 239 -17.11 5.18 -13.91
C GLY A 239 -15.88 5.91 -14.38
N GLU A 240 -15.94 6.46 -15.60
CA GLU A 240 -14.86 7.28 -16.09
C GLU A 240 -14.86 8.68 -15.47
N ASP A 241 -15.81 8.98 -14.57
CA ASP A 241 -15.97 10.34 -14.09
C ASP A 241 -14.85 10.78 -13.16
N PHE A 242 -14.19 9.83 -12.47
CA PHE A 242 -13.14 10.20 -11.54
C PHE A 242 -11.94 10.85 -12.24
N VAL A 243 -11.79 10.64 -13.55
CA VAL A 243 -10.70 11.26 -14.29
C VAL A 243 -10.87 12.78 -14.32
N GLY A 244 -12.03 13.24 -14.80
CA GLY A 244 -12.29 14.66 -14.82
C GLY A 244 -12.40 15.28 -13.43
N ILE A 245 -12.82 14.49 -12.44
CA ILE A 245 -12.88 15.02 -11.08
C ILE A 245 -11.48 15.36 -10.58
N ALA A 246 -10.54 14.45 -10.83
CA ALA A 246 -9.18 14.58 -10.32
C ALA A 246 -8.38 15.60 -11.13
N PHE A 247 -8.46 15.55 -12.45
CA PHE A 247 -7.71 16.52 -13.25
C PHE A 247 -8.17 17.95 -12.95
N ARG A 248 -9.47 18.16 -12.72
CA ARG A 248 -9.93 19.52 -12.46
C ARG A 248 -9.51 20.00 -11.08
N ALA A 249 -9.56 19.13 -10.07
CA ALA A 249 -9.06 19.50 -8.75
C ALA A 249 -7.60 19.87 -8.80
N ALA A 250 -6.79 19.09 -9.53
CA ALA A 250 -5.36 19.39 -9.64
C ALA A 250 -5.15 20.76 -10.28
N ARG A 251 -5.70 20.95 -11.49
CA ARG A 251 -5.55 22.21 -12.21
C ARG A 251 -5.96 23.40 -11.34
N ALA A 252 -7.02 23.22 -10.55
CA ALA A 252 -7.45 24.27 -9.62
C ALA A 252 -6.41 24.57 -8.55
N ALA A 253 -5.59 23.58 -8.15
CA ALA A 253 -4.71 23.73 -7.00
C ALA A 253 -3.33 24.25 -7.36
N ASP A 254 -2.83 23.97 -8.56
CA ASP A 254 -1.53 24.46 -9.00
C ASP A 254 -1.60 24.61 -10.50
N PRO A 255 -1.92 25.81 -11.00
CA PRO A 255 -2.07 26.01 -12.46
C PRO A 255 -0.78 25.83 -13.24
N ASN A 256 0.39 25.83 -12.58
CA ASN A 256 1.71 25.72 -13.21
C ASN A 256 2.12 24.29 -13.56
N ALA A 257 1.52 23.27 -12.93
CA ALA A 257 1.94 21.90 -13.16
C ALA A 257 1.28 21.30 -14.40
N LYS A 258 2.07 20.57 -15.20
CA LYS A 258 1.52 19.76 -16.27
C LYS A 258 0.82 18.52 -15.70
N LEU A 259 -0.45 18.32 -16.07
CA LEU A 259 -1.25 17.21 -15.56
C LEU A 259 -1.16 16.05 -16.54
N TYR A 260 -0.65 14.91 -16.06
CA TYR A 260 -0.40 13.73 -16.88
C TYR A 260 -1.29 12.56 -16.47
N ILE A 261 -1.55 11.67 -17.45
CA ILE A 261 -2.05 10.32 -17.23
C ILE A 261 -0.95 9.34 -17.60
N ASN A 262 -0.76 8.33 -16.75
CA ASN A 262 0.39 7.42 -16.79
C ASN A 262 -0.10 5.99 -16.87
N ASP A 263 0.65 5.13 -17.57
CA ASP A 263 0.28 3.72 -17.66
C ASP A 263 1.42 2.90 -18.27
N TYR A 264 1.44 1.61 -17.95
CA TYR A 264 2.39 0.65 -18.50
C TYR A 264 1.75 -0.16 -19.61
N ASN A 265 2.59 -0.90 -20.35
CA ASN A 265 2.15 -1.72 -21.49
C ASN A 265 1.65 -0.88 -22.66
N LEU A 266 2.19 0.33 -22.84
CA LEU A 266 1.93 1.13 -24.03
C LEU A 266 3.12 1.03 -24.97
N ASP A 267 3.55 -0.20 -25.27
CA ASP A 267 4.86 -0.45 -25.86
C ASP A 267 4.78 -1.08 -27.24
N ASN A 268 3.60 -1.05 -27.86
CA ASN A 268 3.39 -1.48 -29.23
C ASN A 268 2.27 -0.60 -29.79
N ALA A 269 2.48 -0.04 -30.99
CA ALA A 269 1.46 0.82 -31.59
C ALA A 269 0.15 0.06 -31.83
N ASN A 270 0.21 -1.23 -32.11
CA ASN A 270 -0.97 -2.02 -32.47
C ASN A 270 -1.73 -2.55 -31.26
N TYR A 271 -1.12 -2.52 -30.07
CA TYR A 271 -1.69 -3.12 -28.88
C TYR A 271 -3.02 -2.45 -28.52
N ALA A 272 -3.95 -3.25 -28.02
CA ALA A 272 -5.28 -2.73 -27.68
C ALA A 272 -5.19 -1.63 -26.63
N LYS A 273 -4.35 -1.82 -25.60
CA LYS A 273 -4.27 -0.86 -24.51
C LYS A 273 -3.88 0.55 -25.00
N VAL A 274 -3.11 0.62 -26.09
CA VAL A 274 -2.74 1.91 -26.69
C VAL A 274 -3.87 2.48 -27.52
N THR A 275 -4.35 1.70 -28.50
CA THR A 275 -5.36 2.19 -29.46
C THR A 275 -6.72 2.40 -28.79
N ARG A 276 -7.27 1.34 -28.21
CA ARG A 276 -8.60 1.44 -27.61
C ARG A 276 -8.56 2.00 -26.20
N GLY A 277 -7.42 1.89 -25.53
CA GLY A 277 -7.31 2.48 -24.21
C GLY A 277 -6.90 3.94 -24.24
N MET A 278 -5.59 4.16 -24.16
CA MET A 278 -5.07 5.49 -23.87
C MET A 278 -5.49 6.51 -24.94
N VAL A 279 -5.14 6.24 -26.21
CA VAL A 279 -5.37 7.23 -27.27
C VAL A 279 -6.86 7.56 -27.37
N GLU A 280 -7.70 6.53 -27.50
CA GLU A 280 -9.14 6.72 -27.70
C GLU A 280 -9.77 7.52 -26.55
N LYS A 281 -9.48 7.14 -25.30
CA LYS A 281 -10.17 7.71 -24.14
C LYS A 281 -9.60 9.10 -23.77
N VAL A 282 -8.31 9.36 -24.03
CA VAL A 282 -7.78 10.71 -23.81
C VAL A 282 -8.43 11.67 -24.80
N ASN A 283 -8.54 11.26 -26.06
CA ASN A 283 -9.23 12.06 -27.06
C ASN A 283 -10.63 12.40 -26.59
N ARG A 284 -11.36 11.40 -26.13
CA ARG A 284 -12.73 11.61 -25.65
C ARG A 284 -12.76 12.56 -24.45
N TRP A 285 -11.80 12.42 -23.51
CA TRP A 285 -11.78 13.25 -22.30
C TRP A 285 -11.22 14.65 -22.58
N VAL A 286 -10.26 14.77 -23.49
CA VAL A 286 -9.83 16.11 -23.93
C VAL A 286 -10.98 16.84 -24.62
N SER A 287 -11.82 16.10 -25.36
CA SER A 287 -13.01 16.66 -26.01
C SER A 287 -13.99 17.24 -25.00
N GLN A 288 -14.09 16.62 -23.83
CA GLN A 288 -15.07 16.99 -22.81
C GLN A 288 -14.59 18.12 -21.89
N GLY A 289 -13.42 18.70 -22.14
CA GLY A 289 -12.93 19.79 -21.33
C GLY A 289 -12.02 19.40 -20.19
N VAL A 290 -11.56 18.15 -20.15
CA VAL A 290 -10.68 17.65 -19.09
C VAL A 290 -9.26 18.11 -19.36
N PRO A 291 -8.61 18.81 -18.43
CA PRO A 291 -7.28 19.43 -18.68
C PRO A 291 -6.13 18.44 -18.60
N ILE A 292 -6.03 17.56 -19.59
CA ILE A 292 -4.96 16.57 -19.64
C ILE A 292 -3.85 17.15 -20.48
N ASP A 293 -2.71 17.46 -19.86
CA ASP A 293 -1.60 17.99 -20.63
C ASP A 293 -0.74 16.90 -21.26
N GLY A 294 -0.59 15.75 -20.62
CA GLY A 294 0.39 14.79 -21.11
C GLY A 294 -0.01 13.36 -20.86
N ILE A 295 0.62 12.48 -21.63
CA ILE A 295 0.49 11.03 -21.46
C ILE A 295 1.85 10.49 -21.08
N GLY A 296 1.90 9.69 -20.02
CA GLY A 296 3.14 9.06 -19.58
C GLY A 296 3.13 7.58 -19.92
N SER A 297 4.23 7.11 -20.49
CA SER A 297 4.45 5.71 -20.81
C SER A 297 5.54 5.19 -19.88
N GLN A 298 5.19 4.24 -18.99
CA GLN A 298 6.14 3.77 -17.99
C GLN A 298 7.32 3.07 -18.63
N CYS A 299 7.08 2.25 -19.66
CA CYS A 299 8.17 1.57 -20.37
C CYS A 299 8.94 0.63 -19.45
N HIS A 300 8.20 -0.22 -18.74
CA HIS A 300 8.81 -1.37 -18.09
C HIS A 300 8.89 -2.47 -19.16
N LEU A 301 10.04 -2.51 -19.83
CA LEU A 301 10.21 -3.25 -21.07
C LEU A 301 10.99 -4.55 -20.83
N ALA A 302 10.65 -5.56 -21.64
CA ALA A 302 11.29 -6.85 -21.63
C ALA A 302 12.58 -6.84 -22.44
N ALA A 303 13.38 -7.89 -22.27
CA ALA A 303 14.58 -8.09 -23.07
C ALA A 303 14.18 -8.49 -24.49
N PRO A 304 15.12 -8.38 -25.47
CA PRO A 304 14.82 -8.83 -26.84
C PRO A 304 14.13 -10.18 -26.93
N GLY A 305 12.93 -10.23 -27.52
CA GLY A 305 12.20 -11.46 -27.70
C GLY A 305 11.13 -11.73 -26.69
N GLY A 306 10.95 -10.84 -25.71
CA GLY A 306 9.86 -10.94 -24.77
C GLY A 306 8.61 -10.24 -25.24
N TRP A 307 7.64 -10.14 -24.33
CA TRP A 307 6.32 -9.66 -24.68
C TRP A 307 6.37 -8.22 -25.19
N ASN A 308 7.03 -7.32 -24.47
CA ASN A 308 7.15 -5.92 -24.85
C ASN A 308 8.62 -5.53 -24.99
N PRO A 309 9.26 -5.96 -26.07
CA PRO A 309 10.62 -5.50 -26.31
C PRO A 309 10.56 -4.05 -26.78
N ALA A 310 11.68 -3.36 -26.65
CA ALA A 310 11.69 -1.96 -27.08
C ALA A 310 12.13 -1.80 -28.51
N SER A 311 12.37 -2.90 -29.22
CA SER A 311 12.31 -2.88 -30.68
C SER A 311 11.08 -2.13 -31.15
N GLN A 312 9.95 -2.29 -30.46
CA GLN A 312 8.68 -1.75 -30.93
C GLN A 312 8.29 -0.41 -30.32
N VAL A 313 9.02 0.10 -29.31
CA VAL A 313 8.58 1.32 -28.61
C VAL A 313 8.56 2.56 -29.50
N PRO A 314 9.52 2.79 -30.42
CA PRO A 314 9.44 4.00 -31.26
C PRO A 314 8.08 4.20 -31.93
N GLY A 315 7.44 3.11 -32.38
CA GLY A 315 6.14 3.23 -33.01
C GLY A 315 5.02 3.42 -32.01
N ALA A 316 5.18 2.88 -30.80
CA ALA A 316 4.16 3.10 -29.78
C ALA A 316 4.19 4.54 -29.29
N LEU A 317 5.37 5.07 -28.99
CA LEU A 317 5.44 6.46 -28.54
C LEU A 317 4.86 7.40 -29.60
N ARG A 318 5.10 7.10 -30.88
CA ARG A 318 4.51 7.91 -31.94
C ARG A 318 3.00 7.72 -32.02
N ALA A 319 2.54 6.50 -31.78
CA ALA A 319 1.12 6.27 -31.59
C ALA A 319 0.54 7.17 -30.50
N LEU A 320 1.18 7.16 -29.32
CA LEU A 320 0.72 7.97 -28.19
C LEU A 320 0.84 9.46 -28.47
N ALA A 321 2.02 9.91 -28.91
CA ALA A 321 2.24 11.30 -29.31
C ALA A 321 1.26 11.79 -30.37
N GLY A 322 0.59 10.88 -31.08
CA GLY A 322 -0.48 11.17 -31.99
C GLY A 322 -1.84 11.51 -31.39
N ALA A 323 -2.01 11.45 -30.08
CA ALA A 323 -3.30 11.84 -29.50
C ALA A 323 -3.36 13.35 -29.28
N ASN A 324 -4.56 13.83 -28.92
CA ASN A 324 -4.77 15.26 -28.78
C ASN A 324 -4.23 15.83 -27.47
N VAL A 325 -2.97 15.53 -27.16
CA VAL A 325 -2.30 16.09 -26.00
C VAL A 325 -1.11 16.92 -26.47
N LYS A 326 -0.66 17.85 -25.61
CA LYS A 326 0.50 18.67 -25.97
C LYS A 326 1.84 17.98 -25.77
N GLU A 327 1.94 17.02 -24.84
CA GLU A 327 3.23 16.38 -24.61
C GLU A 327 3.06 14.93 -24.19
N ILE A 328 4.19 14.20 -24.20
CA ILE A 328 4.29 12.85 -23.66
C ILE A 328 5.67 12.68 -23.01
N ALA A 329 5.77 11.73 -22.09
CA ALA A 329 7.02 11.44 -21.44
C ALA A 329 7.07 9.95 -21.21
N VAL A 330 8.27 9.38 -21.18
CA VAL A 330 8.46 8.05 -20.61
C VAL A 330 8.82 8.24 -19.12
N THR A 331 8.11 7.55 -18.23
CA THR A 331 8.11 7.94 -16.83
C THR A 331 8.75 6.94 -15.88
N GLU A 332 8.78 5.65 -16.21
CA GLU A 332 9.35 4.68 -15.30
C GLU A 332 10.22 3.69 -16.08
N LEU A 333 11.10 4.19 -16.94
CA LEU A 333 11.83 3.36 -17.89
C LEU A 333 12.82 2.42 -17.21
N ASP A 334 12.70 1.13 -17.51
CA ASP A 334 13.75 0.14 -17.26
C ASP A 334 13.61 -0.98 -18.28
N ILE A 335 14.75 -1.55 -18.68
CA ILE A 335 14.76 -2.61 -19.66
C ILE A 335 15.60 -3.76 -19.16
N ALA A 336 14.96 -4.92 -18.94
CA ALA A 336 15.65 -6.15 -18.58
C ALA A 336 16.84 -6.38 -19.51
N GLY A 337 18.03 -6.45 -18.93
CA GLY A 337 19.26 -6.64 -19.67
C GLY A 337 20.06 -5.38 -19.88
N ALA A 338 19.38 -4.24 -20.01
CA ALA A 338 20.04 -2.94 -20.14
C ALA A 338 20.96 -2.89 -21.35
N ALA A 339 20.53 -3.49 -22.46
CA ALA A 339 21.31 -3.46 -23.70
C ALA A 339 21.51 -2.02 -24.17
N ALA A 340 22.76 -1.66 -24.44
CA ALA A 340 23.07 -0.38 -25.10
C ALA A 340 22.13 -0.08 -26.28
N ASN A 341 21.94 -1.05 -27.17
CA ASN A 341 21.05 -0.85 -28.33
C ASN A 341 19.63 -0.51 -27.91
N ASP A 342 19.16 -1.14 -26.83
CA ASP A 342 17.77 -0.97 -26.42
C ASP A 342 17.53 0.40 -25.78
N TYR A 343 18.42 0.83 -24.88
CA TYR A 343 18.31 2.18 -24.31
C TYR A 343 18.45 3.25 -25.39
N LEU A 344 19.45 3.09 -26.27
CA LEU A 344 19.57 3.98 -27.43
C LEU A 344 18.25 4.14 -28.15
N THR A 345 17.57 3.03 -28.39
CA THR A 345 16.32 3.06 -29.13
C THR A 345 15.29 3.95 -28.46
N VAL A 346 15.16 3.86 -27.15
CA VAL A 346 14.11 4.62 -26.47
C VAL A 346 14.50 6.09 -26.42
N MET A 347 15.74 6.38 -26.03
CA MET A 347 16.16 7.77 -25.93
C MET A 347 15.95 8.49 -27.25
N ASN A 348 16.43 7.90 -28.35
CA ASN A 348 16.30 8.57 -29.64
C ASN A 348 14.86 8.59 -30.13
N ALA A 349 14.04 7.61 -29.73
CA ALA A 349 12.63 7.71 -30.05
C ALA A 349 12.05 9.00 -29.46
N CYS A 350 12.37 9.29 -28.19
CA CYS A 350 11.89 10.51 -27.57
C CYS A 350 12.49 11.76 -28.22
N LEU A 351 13.81 11.74 -28.43
CA LEU A 351 14.52 12.82 -29.14
C LEU A 351 13.84 13.18 -30.47
N GLN A 352 13.37 12.18 -31.24
CA GLN A 352 12.75 12.39 -32.54
C GLN A 352 11.27 12.72 -32.49
N ILE A 353 10.64 12.71 -31.31
CA ILE A 353 9.23 13.03 -31.19
C ILE A 353 9.12 14.39 -30.51
N GLU A 354 8.62 15.37 -31.26
CA GLU A 354 8.53 16.75 -30.80
C GLU A 354 7.85 16.85 -29.45
N LYS A 355 6.74 16.14 -29.27
CA LYS A 355 5.94 16.23 -28.06
C LYS A 355 6.58 15.57 -26.85
N CYS A 356 7.68 14.80 -27.00
CA CYS A 356 8.24 14.05 -25.89
C CYS A 356 9.21 14.95 -25.14
N VAL A 357 8.89 15.30 -23.90
CA VAL A 357 9.69 16.29 -23.18
C VAL A 357 10.76 15.69 -22.28
N GLY A 358 10.66 14.42 -21.90
CA GLY A 358 11.72 13.88 -21.06
C GLY A 358 11.58 12.39 -20.81
N ILE A 359 12.59 11.88 -20.08
CA ILE A 359 12.72 10.46 -19.72
C ILE A 359 13.08 10.36 -18.25
N THR A 360 12.42 9.43 -17.53
CA THR A 360 12.84 9.00 -16.21
C THR A 360 13.09 7.50 -16.21
N VAL A 361 14.34 7.11 -15.91
CA VAL A 361 14.64 5.72 -15.55
C VAL A 361 14.18 5.47 -14.09
N TRP A 362 13.79 4.23 -13.80
CA TRP A 362 13.15 3.90 -12.51
C TRP A 362 14.16 3.36 -11.49
N GLY A 363 15.13 4.21 -11.17
CA GLY A 363 16.22 3.82 -10.28
C GLY A 363 17.58 4.18 -10.83
N VAL A 364 18.55 4.35 -9.93
CA VAL A 364 19.91 4.60 -10.37
C VAL A 364 20.64 3.30 -10.64
N SER A 365 20.55 2.32 -9.73
CA SER A 365 21.39 1.14 -9.78
C SER A 365 20.57 -0.15 -9.68
N ASP A 366 21.10 -1.22 -10.30
CA ASP A 366 20.38 -2.48 -10.35
C ASP A 366 20.19 -3.06 -8.96
N LYS A 367 21.17 -2.82 -8.09
CA LYS A 367 21.09 -3.25 -6.70
C LYS A 367 19.74 -2.87 -6.07
N ASP A 368 19.24 -1.68 -6.37
CA ASP A 368 18.05 -1.15 -5.70
C ASP A 368 16.79 -1.22 -6.56
N SER A 369 16.87 -1.75 -7.79
CA SER A 369 15.72 -1.77 -8.68
C SER A 369 14.64 -2.69 -8.14
N TRP A 370 13.38 -2.34 -8.43
CA TRP A 370 12.22 -3.15 -8.07
C TRP A 370 12.17 -4.48 -8.82
N ARG A 371 12.92 -4.63 -9.91
CA ARG A 371 13.13 -5.91 -10.54
C ARG A 371 14.64 -6.06 -10.72
N GLN A 372 15.34 -6.26 -9.59
CA GLN A 372 16.80 -6.35 -9.62
C GLN A 372 17.27 -7.54 -10.44
N GLY A 373 16.45 -8.60 -10.50
CA GLY A 373 16.84 -9.78 -11.25
C GLY A 373 17.08 -9.50 -12.72
N ASP A 374 16.25 -8.65 -13.32
CA ASP A 374 16.36 -8.33 -14.74
C ASP A 374 17.50 -7.36 -15.02
N ASN A 375 18.19 -6.85 -13.99
CA ASN A 375 19.35 -5.97 -14.13
C ASN A 375 19.12 -4.78 -15.08
N PRO A 376 18.06 -3.98 -14.87
CA PRO A 376 17.54 -3.19 -15.98
C PRO A 376 17.85 -1.69 -16.00
N LEU A 377 18.84 -1.23 -15.23
CA LEU A 377 19.11 0.20 -15.12
C LEU A 377 20.45 0.53 -15.76
N LEU A 378 20.88 1.78 -15.57
CA LEU A 378 22.06 2.32 -16.24
C LEU A 378 23.32 2.27 -15.38
N PHE A 379 23.20 1.92 -14.10
CA PHE A 379 24.34 1.81 -13.19
C PHE A 379 24.27 0.47 -12.47
N ASP A 380 25.43 -0.12 -12.18
CA ASP A 380 25.46 -1.50 -11.70
C ASP A 380 25.29 -1.52 -10.18
N ASN A 381 25.70 -2.61 -9.53
CA ASN A 381 25.57 -2.77 -8.09
C ASN A 381 26.61 -1.97 -7.30
N ASN A 382 27.64 -1.44 -7.96
CA ASN A 382 28.64 -0.61 -7.32
C ASN A 382 28.56 0.82 -7.81
N TYR A 383 27.39 1.21 -8.30
CA TYR A 383 27.12 2.61 -8.65
C TYR A 383 28.18 3.11 -9.61
N GLN A 384 28.60 2.22 -10.54
CA GLN A 384 29.46 2.45 -11.68
C GLN A 384 28.64 2.41 -12.96
N PRO A 385 28.94 3.29 -13.92
CA PRO A 385 28.11 3.37 -15.13
C PRO A 385 28.31 2.15 -16.02
N LYS A 386 27.18 1.58 -16.47
CA LYS A 386 27.15 0.43 -17.39
C LYS A 386 27.28 0.86 -18.85
N ALA A 387 27.22 -0.12 -19.74
CA ALA A 387 27.45 0.14 -21.16
C ALA A 387 26.39 1.06 -21.74
N ALA A 388 25.11 0.72 -21.52
CA ALA A 388 24.02 1.59 -21.96
C ALA A 388 24.24 3.06 -21.57
N TYR A 389 24.79 3.32 -20.36
CA TYR A 389 24.95 4.70 -19.93
C TYR A 389 25.97 5.43 -20.80
N HIS A 390 27.18 4.88 -20.92
CA HIS A 390 28.19 5.44 -21.82
C HIS A 390 27.64 5.59 -23.23
N ALA A 391 26.85 4.61 -23.67
CA ALA A 391 26.29 4.65 -25.03
C ALA A 391 25.41 5.88 -25.22
N LEU A 392 24.49 6.13 -24.30
CA LEU A 392 23.63 7.33 -24.40
C LEU A 392 24.45 8.61 -24.36
N VAL A 393 25.47 8.69 -23.50
CA VAL A 393 26.28 9.89 -23.42
C VAL A 393 27.02 10.11 -24.72
N ASN A 394 27.54 9.03 -25.33
CA ASN A 394 28.30 9.19 -26.57
C ASN A 394 27.38 9.50 -27.76
N ALA A 395 26.18 8.92 -27.80
CA ALA A 395 25.23 9.30 -28.83
C ALA A 395 24.85 10.78 -28.74
N LEU A 396 24.88 11.35 -27.54
CA LEU A 396 24.49 12.74 -27.38
C LEU A 396 25.68 13.66 -27.63
N GLY B 92 -10.69 -2.53 39.65
CA GLY B 92 -9.75 -1.47 39.97
C GLY B 92 -9.56 -0.44 38.85
N ASN B 93 -9.68 0.87 39.22
CA ASN B 93 -9.84 1.99 38.27
C ASN B 93 -11.07 1.82 37.38
N GLY B 94 -11.66 0.61 37.39
CA GLY B 94 -13.01 0.37 36.90
C GLY B 94 -13.34 0.89 35.51
N GLU B 95 -12.66 0.35 34.50
CA GLU B 95 -12.89 0.71 33.12
C GLU B 95 -12.66 -0.54 32.28
N LEU B 96 -13.03 -0.42 31.00
CA LEU B 96 -13.37 -1.58 30.21
C LEU B 96 -12.28 -2.66 30.25
N HIS B 97 -11.03 -2.27 30.06
CA HIS B 97 -10.01 -3.32 30.04
C HIS B 97 -9.79 -3.92 31.44
N ASP B 98 -9.81 -3.09 32.49
CA ASP B 98 -9.61 -3.62 33.82
C ASP B 98 -10.68 -4.66 34.16
N LYS B 99 -11.96 -4.28 34.08
CA LYS B 99 -13.02 -5.23 34.34
C LYS B 99 -12.98 -6.45 33.42
N PHE B 100 -12.39 -6.33 32.23
CA PHE B 100 -12.38 -7.48 31.32
C PHE B 100 -11.35 -8.52 31.77
N VAL B 101 -10.18 -8.08 32.23
CA VAL B 101 -9.19 -9.04 32.72
C VAL B 101 -9.57 -9.54 34.11
N ALA B 102 -10.30 -8.72 34.87
CA ALA B 102 -10.85 -9.07 36.18
C ALA B 102 -11.73 -10.31 36.12
N LYS B 103 -11.97 -10.83 34.90
CA LYS B 103 -12.72 -12.05 34.71
C LYS B 103 -11.96 -13.08 33.88
N GLY B 104 -10.66 -12.94 33.76
CA GLY B 104 -9.83 -14.02 33.25
C GLY B 104 -9.34 -13.90 31.82
N LYS B 105 -9.60 -12.80 31.14
CA LYS B 105 -9.13 -12.64 29.77
C LYS B 105 -7.99 -11.62 29.72
N LEU B 106 -7.18 -11.71 28.66
CA LEU B 106 -5.90 -11.02 28.63
C LEU B 106 -6.04 -9.53 28.34
N PHE B 107 -6.83 -9.17 27.33
CA PHE B 107 -6.93 -7.76 26.99
C PHE B 107 -8.25 -7.43 26.33
N PHE B 108 -8.62 -6.16 26.45
CA PHE B 108 -9.62 -5.50 25.64
C PHE B 108 -8.97 -4.20 25.17
N GLY B 109 -8.55 -4.16 23.90
CA GLY B 109 -7.76 -3.06 23.39
C GLY B 109 -8.32 -2.43 22.12
N THR B 110 -7.66 -1.37 21.69
CA THR B 110 -8.08 -0.59 20.54
C THR B 110 -6.96 -0.57 19.50
N GLU B 111 -7.27 -0.03 18.33
CA GLU B 111 -6.29 0.19 17.28
C GLU B 111 -5.87 1.66 17.31
N ILE B 112 -4.61 1.93 16.99
CA ILE B 112 -4.07 3.28 16.84
C ILE B 112 -2.93 3.24 15.83
N ASP B 113 -2.45 4.42 15.47
CA ASP B 113 -1.20 4.53 14.73
C ASP B 113 -0.50 5.83 15.08
N HIS B 114 0.64 6.05 14.43
CA HIS B 114 1.52 7.16 14.78
C HIS B 114 0.82 8.50 14.63
N TYR B 115 -0.08 8.63 13.63
CA TYR B 115 -0.82 9.86 13.39
C TYR B 115 -1.85 10.15 14.47
N HIS B 116 -1.90 9.36 15.56
CA HIS B 116 -2.81 9.60 16.67
C HIS B 116 -2.11 9.97 17.96
N LEU B 117 -0.77 9.97 18.00
CA LEU B 117 -0.07 10.10 19.27
C LEU B 117 -0.15 11.49 19.88
N ASN B 118 -0.40 12.52 19.06
CA ASN B 118 -0.56 13.89 19.54
C ASN B 118 -2.01 14.26 19.79
N ASN B 119 -2.95 13.32 19.60
CA ASN B 119 -4.38 13.49 19.86
C ASN B 119 -4.62 13.22 21.34
N GLN B 120 -4.50 14.26 22.17
CA GLN B 120 -4.54 14.04 23.61
C GLN B 120 -5.88 13.49 24.09
N PRO B 121 -7.03 13.91 23.59
CA PRO B 121 -8.28 13.22 23.96
C PRO B 121 -8.26 11.73 23.66
N LEU B 122 -7.73 11.34 22.50
CA LEU B 122 -7.70 9.94 22.11
C LEU B 122 -6.72 9.16 22.98
N THR B 123 -5.52 9.69 23.17
CA THR B 123 -4.51 8.96 23.94
C THR B 123 -4.93 8.79 25.38
N ASN B 124 -5.60 9.79 25.94
CA ASN B 124 -6.05 9.66 27.32
C ASN B 124 -7.09 8.56 27.49
N ILE B 125 -7.81 8.17 26.43
CA ILE B 125 -8.76 7.06 26.52
C ILE B 125 -8.07 5.73 26.32
N VAL B 126 -7.06 5.69 25.45
CA VAL B 126 -6.20 4.51 25.37
C VAL B 126 -5.63 4.20 26.74
N LYS B 127 -5.28 5.25 27.50
CA LYS B 127 -4.53 5.06 28.74
C LYS B 127 -5.41 4.44 29.83
N SER B 128 -6.57 5.06 30.09
CA SER B 128 -7.52 4.50 31.05
C SER B 128 -8.16 3.22 30.53
N SER B 129 -8.83 3.29 29.37
CA SER B 129 -9.87 2.32 29.06
C SER B 129 -9.40 1.07 28.30
N PHE B 130 -8.25 1.10 27.64
CA PHE B 130 -7.82 -0.08 26.92
C PHE B 130 -6.50 -0.57 27.49
N GLY B 131 -6.07 -1.77 27.08
CA GLY B 131 -4.83 -2.29 27.62
C GLY B 131 -3.98 -3.03 26.61
N GLN B 132 -4.27 -2.82 25.32
CA GLN B 132 -3.59 -3.46 24.22
C GLN B 132 -3.84 -2.58 23.00
N VAL B 133 -2.90 -2.57 22.04
CA VAL B 133 -3.03 -1.76 20.85
C VAL B 133 -2.55 -2.56 19.64
N THR B 134 -3.16 -2.29 18.48
CA THR B 134 -2.72 -2.80 17.19
C THR B 134 -2.40 -1.61 16.29
N HIS B 135 -1.39 -1.76 15.43
CA HIS B 135 -1.05 -0.69 14.48
C HIS B 135 -2.06 -0.67 13.33
N GLU B 136 -2.69 0.48 13.08
CA GLU B 136 -3.66 0.57 11.98
C GLU B 136 -3.00 0.31 10.63
N ASN B 137 -1.83 0.92 10.40
CA ASN B 137 -1.19 0.82 9.09
C ASN B 137 0.32 0.64 9.13
N SER B 138 1.03 1.16 10.13
CA SER B 138 2.47 1.32 9.99
C SER B 138 3.25 0.02 10.11
N MET B 139 2.61 -1.14 10.25
CA MET B 139 3.35 -2.40 10.22
C MET B 139 2.98 -3.28 9.02
N LYS B 140 2.17 -2.78 8.08
CA LYS B 140 1.99 -3.51 6.84
C LYS B 140 3.25 -3.41 6.00
N TRP B 141 3.39 -4.39 5.07
CA TRP B 141 4.65 -4.63 4.38
C TRP B 141 5.20 -3.38 3.68
N ASP B 142 4.33 -2.64 2.97
CA ASP B 142 4.84 -1.50 2.21
C ASP B 142 5.28 -0.36 3.11
N ALA B 143 4.77 -0.28 4.34
CA ALA B 143 5.32 0.67 5.30
C ALA B 143 6.63 0.18 5.90
N ILE B 144 6.76 -1.14 6.16
CA ILE B 144 7.97 -1.67 6.80
C ILE B 144 9.13 -1.77 5.81
N GLU B 145 8.91 -2.38 4.65
CA GLU B 145 9.99 -2.71 3.71
C GLU B 145 9.65 -2.24 2.30
N PRO B 146 9.52 -0.93 2.08
CA PRO B 146 8.99 -0.45 0.78
C PRO B 146 9.84 -0.82 -0.42
N SER B 147 11.13 -1.09 -0.22
CA SER B 147 12.04 -1.58 -1.25
C SER B 147 12.88 -2.66 -0.58
N ARG B 148 13.32 -3.67 -1.35
CA ARG B 148 13.90 -4.86 -0.74
C ARG B 148 15.12 -4.48 0.11
N GLY B 149 15.12 -4.87 1.39
CA GLY B 149 16.19 -4.55 2.30
C GLY B 149 16.23 -3.11 2.77
N ARG B 150 15.33 -2.26 2.28
CA ARG B 150 15.18 -0.89 2.78
C ARG B 150 14.05 -0.94 3.80
N PHE B 151 14.40 -1.05 5.08
CA PHE B 151 13.40 -1.04 6.15
C PHE B 151 13.24 0.37 6.70
N SER B 152 12.00 0.76 6.98
CA SER B 152 11.67 2.05 7.58
C SER B 152 10.87 1.79 8.86
N TRP B 153 11.53 1.93 10.01
CA TRP B 153 10.98 1.51 11.30
C TRP B 153 10.34 2.63 12.09
N GLY B 154 10.40 3.88 11.59
CA GLY B 154 10.16 5.03 12.43
C GLY B 154 8.76 5.08 13.00
N ASN B 155 7.76 4.90 12.12
CA ASN B 155 6.37 5.01 12.59
C ASN B 155 5.97 3.80 13.43
N ALA B 156 6.41 2.60 13.04
CA ALA B 156 6.11 1.44 13.86
C ALA B 156 6.77 1.54 15.23
N ASP B 157 8.02 2.05 15.27
CA ASP B 157 8.70 2.22 16.55
C ASP B 157 7.97 3.20 17.45
N ALA B 158 7.38 4.24 16.86
CA ALA B 158 6.74 5.30 17.64
C ALA B 158 5.55 4.77 18.41
N VAL B 159 4.74 3.93 17.75
CA VAL B 159 3.57 3.34 18.41
C VAL B 159 4.04 2.27 19.39
N VAL B 160 5.04 1.49 19.00
CA VAL B 160 5.57 0.49 19.93
C VAL B 160 6.09 1.16 21.19
N ASP B 161 6.97 2.18 21.03
CA ASP B 161 7.50 2.84 22.22
C ASP B 161 6.39 3.42 23.07
N PHE B 162 5.36 3.97 22.43
CA PHE B 162 4.22 4.50 23.18
C PHE B 162 3.60 3.41 24.05
N ALA B 163 3.35 2.23 23.46
CA ALA B 163 2.64 1.16 24.16
C ALA B 163 3.44 0.63 25.36
N VAL B 164 4.73 0.35 25.15
CA VAL B 164 5.55 -0.20 26.23
C VAL B 164 5.72 0.80 27.35
N ALA B 165 5.83 2.09 27.02
CA ALA B 165 5.90 3.17 28.01
C ALA B 165 4.63 3.30 28.84
N ASN B 166 3.50 2.74 28.41
CA ASN B 166 2.26 2.86 29.17
C ASN B 166 1.71 1.50 29.59
N GLY B 167 2.51 0.45 29.45
CA GLY B 167 2.14 -0.88 29.89
C GLY B 167 1.00 -1.48 29.12
N LYS B 168 1.03 -1.35 27.80
CA LYS B 168 -0.02 -1.83 26.91
C LYS B 168 0.54 -2.95 26.03
N MET B 169 -0.15 -4.10 26.00
CA MET B 169 0.22 -5.17 25.08
C MET B 169 0.14 -4.71 23.62
N ILE B 170 0.81 -5.46 22.74
CA ILE B 170 0.86 -5.12 21.31
C ILE B 170 0.58 -6.37 20.47
N ARG B 171 -0.40 -6.27 19.56
CA ARG B 171 -0.60 -7.25 18.50
C ARG B 171 0.15 -6.76 17.26
N GLY B 172 1.09 -7.56 16.77
CA GLY B 172 1.84 -7.21 15.58
C GLY B 172 1.08 -7.53 14.29
N HIS B 173 0.82 -6.52 13.45
CA HIS B 173 -0.12 -6.64 12.33
C HIS B 173 0.42 -5.86 11.14
N THR B 174 0.87 -6.54 10.08
CA THR B 174 0.82 -7.99 9.91
C THR B 174 1.99 -8.42 9.02
N LEU B 175 2.51 -9.63 9.22
CA LEU B 175 3.74 -10.03 8.53
C LEU B 175 3.52 -10.30 7.04
N VAL B 176 2.53 -11.13 6.69
CA VAL B 176 2.27 -11.49 5.28
C VAL B 176 0.83 -11.14 4.95
N TRP B 177 0.64 -10.38 3.87
CA TRP B 177 -0.70 -9.92 3.49
C TRP B 177 -0.69 -9.54 2.01
N HIS B 178 -1.85 -9.77 1.36
CA HIS B 178 -1.97 -9.53 -0.08
C HIS B 178 -2.21 -8.06 -0.39
N SER B 179 -2.74 -7.30 0.56
CA SER B 179 -3.00 -5.88 0.38
C SER B 179 -1.85 -5.04 0.93
N GLN B 180 -1.81 -3.79 0.47
CA GLN B 180 -0.80 -2.81 0.85
C GLN B 180 0.58 -3.46 0.79
N LEU B 181 0.93 -3.92 -0.42
CA LEU B 181 2.05 -4.82 -0.63
C LEU B 181 2.89 -4.29 -1.80
N PRO B 182 4.18 -4.03 -1.59
CA PRO B 182 4.99 -3.38 -2.63
C PRO B 182 5.02 -4.16 -3.93
N ASP B 183 5.29 -3.43 -5.01
CA ASP B 183 5.31 -4.06 -6.33
C ASP B 183 6.57 -4.88 -6.55
N TRP B 184 7.66 -4.58 -5.83
CA TRP B 184 8.84 -5.42 -5.98
C TRP B 184 8.57 -6.86 -5.51
N VAL B 185 7.59 -7.06 -4.61
CA VAL B 185 7.26 -8.41 -4.13
C VAL B 185 6.39 -9.14 -5.14
N LYS B 186 5.29 -8.50 -5.55
CA LYS B 186 4.45 -8.92 -6.67
C LYS B 186 5.25 -9.41 -7.88
N GLN B 187 6.41 -8.80 -8.12
CA GLN B 187 7.25 -9.05 -9.28
C GLN B 187 7.98 -10.38 -9.24
N ILE B 188 8.02 -11.05 -8.10
CA ILE B 188 8.82 -12.27 -7.95
C ILE B 188 8.06 -13.45 -8.54
N ASN B 189 8.76 -14.40 -9.17
CA ASN B 189 8.15 -15.72 -9.32
C ASN B 189 9.06 -16.87 -8.87
N ASP B 190 10.37 -16.80 -9.13
CA ASP B 190 11.32 -17.78 -8.62
C ASP B 190 11.03 -18.11 -7.16
N ARG B 191 10.47 -19.29 -6.91
CA ARG B 191 10.02 -19.62 -5.57
C ARG B 191 11.14 -19.73 -4.54
N ASN B 192 12.40 -19.82 -4.97
CA ASN B 192 13.48 -19.66 -4.01
C ASN B 192 13.58 -18.20 -3.57
N THR B 193 13.57 -17.28 -4.54
CA THR B 193 13.60 -15.85 -4.25
C THR B 193 12.46 -15.43 -3.34
N LEU B 194 11.23 -15.94 -3.60
CA LEU B 194 10.09 -15.48 -2.81
C LEU B 194 10.16 -16.00 -1.38
N THR B 195 10.53 -17.26 -1.20
CA THR B 195 10.60 -17.80 0.16
C THR B 195 11.72 -17.13 0.96
N GLN B 196 12.83 -16.79 0.30
CA GLN B 196 13.86 -15.99 0.94
C GLN B 196 13.31 -14.63 1.38
N VAL B 197 12.53 -14.00 0.49
CA VAL B 197 11.98 -12.67 0.78
C VAL B 197 11.00 -12.73 1.96
N ILE B 198 10.22 -13.83 2.07
CA ILE B 198 9.28 -13.93 3.19
C ILE B 198 10.04 -14.12 4.50
N GLU B 199 11.11 -14.91 4.49
CA GLU B 199 11.83 -15.11 5.74
C GLU B 199 12.55 -13.84 6.16
N ASP B 200 13.15 -13.13 5.19
CA ASP B 200 13.80 -11.86 5.51
C ASP B 200 12.82 -10.87 6.12
N HIS B 201 11.64 -10.71 5.50
CA HIS B 201 10.64 -9.81 6.06
C HIS B 201 10.21 -10.25 7.45
N VAL B 202 9.91 -11.55 7.62
CA VAL B 202 9.40 -12.05 8.90
C VAL B 202 10.48 -12.00 9.99
N THR B 203 11.69 -12.45 9.65
CA THR B 203 12.78 -12.42 10.64
C THR B 203 13.07 -11.00 11.08
N ALA B 204 13.11 -10.05 10.14
CA ALA B 204 13.48 -8.67 10.47
C ALA B 204 12.51 -8.06 11.48
N MET B 205 11.21 -8.20 11.22
CA MET B 205 10.23 -7.58 12.11
C MET B 205 10.20 -8.30 13.45
N VAL B 206 10.12 -9.64 13.42
CA VAL B 206 9.90 -10.40 14.64
C VAL B 206 11.07 -10.24 15.59
N THR B 207 12.31 -10.27 15.08
CA THR B 207 13.48 -10.00 15.90
C THR B 207 13.42 -8.61 16.51
N ARG B 208 13.19 -7.59 15.67
CA ARG B 208 13.29 -6.21 16.13
C ARG B 208 12.40 -5.94 17.33
N TYR B 209 11.24 -6.58 17.40
CA TYR B 209 10.30 -6.34 18.48
C TYR B 209 10.26 -7.51 19.47
N LYS B 210 11.27 -8.39 19.43
CA LYS B 210 11.33 -9.58 20.27
C LYS B 210 10.96 -9.28 21.71
N GLY B 211 10.11 -10.12 22.29
CA GLY B 211 9.69 -9.91 23.65
C GLY B 211 8.76 -8.74 23.88
N LYS B 212 8.54 -7.87 22.90
CA LYS B 212 7.56 -6.81 23.07
C LYS B 212 6.16 -7.18 22.58
N ILE B 213 6.02 -8.27 21.83
CA ILE B 213 4.83 -8.54 21.00
C ILE B 213 4.08 -9.74 21.57
N VAL B 214 2.84 -9.53 22.03
CA VAL B 214 2.08 -10.61 22.65
C VAL B 214 1.43 -11.54 21.60
N HIS B 215 0.93 -11.01 20.47
CA HIS B 215 0.56 -11.82 19.31
C HIS B 215 1.13 -11.22 18.04
N TRP B 216 1.52 -12.06 17.10
CA TRP B 216 1.77 -11.65 15.73
C TRP B 216 0.67 -12.24 14.85
N ASP B 217 -0.07 -11.37 14.15
CA ASP B 217 -0.85 -11.77 12.98
C ASP B 217 0.10 -12.20 11.89
N VAL B 218 0.45 -13.48 11.84
CA VAL B 218 1.48 -13.93 10.89
C VAL B 218 0.99 -13.83 9.46
N VAL B 219 -0.23 -14.31 9.17
CA VAL B 219 -0.81 -14.14 7.84
C VAL B 219 -2.23 -13.62 7.99
N ASN B 220 -2.65 -12.85 6.98
CA ASN B 220 -3.89 -12.09 7.02
C ASN B 220 -4.72 -12.35 5.76
N GLU B 221 -6.01 -12.61 5.94
CA GLU B 221 -6.97 -12.73 4.84
C GLU B 221 -6.41 -13.54 3.67
N ILE B 222 -6.08 -14.82 3.94
CA ILE B 222 -5.50 -15.67 2.90
C ILE B 222 -6.55 -16.50 2.19
N PHE B 223 -7.80 -16.45 2.63
CA PHE B 223 -8.86 -17.30 2.11
C PHE B 223 -9.82 -16.49 1.24
N SER B 224 -10.25 -17.09 0.13
CA SER B 224 -11.46 -16.65 -0.52
C SER B 224 -12.68 -17.14 0.26
N GLU B 225 -13.85 -16.61 -0.08
CA GLU B 225 -15.06 -17.00 0.65
C GLU B 225 -15.50 -18.44 0.35
N ASP B 226 -14.84 -19.11 -0.59
CA ASP B 226 -15.07 -20.51 -0.90
C ASP B 226 -14.33 -21.44 0.05
N GLY B 227 -13.46 -20.90 0.91
CA GLY B 227 -12.61 -21.70 1.78
C GLY B 227 -11.32 -22.21 1.15
N ASN B 228 -10.97 -21.73 -0.03
CA ASN B 228 -9.66 -22.00 -0.60
C ASN B 228 -8.83 -20.72 -0.49
N LEU B 229 -7.56 -20.81 -0.88
CA LEU B 229 -6.67 -19.66 -0.84
C LEU B 229 -7.06 -18.64 -1.91
N ARG B 230 -6.96 -17.37 -1.56
CA ARG B 230 -7.21 -16.29 -2.50
C ARG B 230 -5.99 -16.06 -3.40
N ASP B 231 -6.26 -15.60 -4.62
CA ASP B 231 -5.19 -15.35 -5.58
C ASP B 231 -4.30 -14.21 -5.10
N SER B 232 -3.00 -14.46 -5.09
CA SER B 232 -2.00 -13.51 -4.61
C SER B 232 -0.66 -14.05 -5.05
N VAL B 233 0.34 -13.17 -5.08
CA VAL B 233 1.70 -13.59 -5.36
C VAL B 233 2.09 -14.81 -4.54
N PHE B 234 1.50 -14.97 -3.35
CA PHE B 234 1.89 -16.05 -2.45
C PHE B 234 1.24 -17.37 -2.85
N SER B 235 -0.07 -17.35 -3.10
CA SER B 235 -0.76 -18.48 -3.72
C SER B 235 -0.03 -18.95 -4.97
N ARG B 236 0.10 -18.06 -5.95
CA ARG B 236 0.56 -18.44 -7.28
C ARG B 236 1.96 -19.05 -7.27
N VAL B 237 2.86 -18.53 -6.43
CA VAL B 237 4.27 -18.93 -6.50
C VAL B 237 4.59 -20.11 -5.58
N LEU B 238 3.81 -20.32 -4.53
CA LEU B 238 4.15 -21.36 -3.56
C LEU B 238 2.96 -22.21 -3.11
N GLY B 239 1.74 -21.90 -3.53
CA GLY B 239 0.61 -22.67 -3.08
C GLY B 239 0.27 -22.23 -1.68
N GLU B 240 -0.02 -23.20 -0.79
CA GLU B 240 -0.20 -22.93 0.64
C GLU B 240 1.11 -23.12 1.43
N ASP B 241 2.25 -23.17 0.74
CA ASP B 241 3.55 -23.27 1.40
C ASP B 241 3.93 -21.99 2.15
N PHE B 242 3.50 -20.82 1.64
CA PHE B 242 3.88 -19.59 2.31
C PHE B 242 3.39 -19.58 3.75
N VAL B 243 2.30 -20.30 4.05
CA VAL B 243 1.80 -20.35 5.41
C VAL B 243 2.82 -21.01 6.35
N GLY B 244 3.54 -22.02 5.86
CA GLY B 244 4.49 -22.72 6.69
C GLY B 244 5.82 -22.01 6.75
N ILE B 245 6.24 -21.46 5.61
CA ILE B 245 7.47 -20.69 5.56
C ILE B 245 7.38 -19.51 6.52
N ALA B 246 6.22 -18.84 6.57
CA ALA B 246 6.07 -17.67 7.43
C ALA B 246 5.97 -18.06 8.90
N PHE B 247 5.20 -19.10 9.23
CA PHE B 247 5.06 -19.49 10.64
C PHE B 247 6.35 -20.09 11.20
N ARG B 248 7.12 -20.79 10.36
CA ARG B 248 8.41 -21.30 10.82
C ARG B 248 9.37 -20.16 11.15
N ALA B 249 9.55 -19.22 10.21
CA ALA B 249 10.46 -18.10 10.44
C ALA B 249 10.05 -17.28 11.66
N ALA B 250 8.75 -17.12 11.89
CA ALA B 250 8.27 -16.28 12.98
C ALA B 250 8.63 -16.89 14.33
N ARG B 251 8.08 -18.07 14.63
CA ARG B 251 8.34 -18.70 15.92
C ARG B 251 9.83 -18.81 16.20
N ALA B 252 10.62 -19.18 15.20
CA ALA B 252 12.08 -19.22 15.39
C ALA B 252 12.61 -17.89 15.92
N ALA B 253 12.21 -16.77 15.30
CA ALA B 253 12.77 -15.46 15.64
C ALA B 253 12.31 -14.94 17.00
N ASP B 254 11.15 -15.38 17.51
CA ASP B 254 10.71 -14.99 18.84
C ASP B 254 9.82 -16.07 19.44
N PRO B 255 10.40 -17.01 20.21
CA PRO B 255 9.60 -18.04 20.89
C PRO B 255 8.47 -17.51 21.78
N ASN B 256 8.58 -16.28 22.30
CA ASN B 256 7.62 -15.76 23.28
C ASN B 256 6.25 -15.48 22.64
N ALA B 257 6.22 -15.17 21.35
CA ALA B 257 5.03 -14.63 20.70
C ALA B 257 4.07 -15.75 20.33
N LYS B 258 2.78 -15.53 20.64
CA LYS B 258 1.72 -16.40 20.11
C LYS B 258 1.44 -16.06 18.65
N LEU B 259 1.46 -17.08 17.79
CA LEU B 259 1.34 -16.91 16.35
C LEU B 259 -0.11 -17.08 15.91
N TYR B 260 -0.60 -16.16 15.11
CA TYR B 260 -1.99 -16.15 14.71
C TYR B 260 -2.13 -16.15 13.19
N ILE B 261 -3.18 -16.80 12.72
CA ILE B 261 -3.74 -16.58 11.39
C ILE B 261 -5.01 -15.75 11.58
N ASN B 262 -5.21 -14.76 10.73
CA ASN B 262 -6.28 -13.79 10.91
C ASN B 262 -7.16 -13.76 9.65
N ASP B 263 -8.45 -13.46 9.82
CA ASP B 263 -9.32 -13.25 8.67
C ASP B 263 -10.66 -12.65 9.07
N TYR B 264 -11.38 -12.14 8.06
CA TYR B 264 -12.70 -11.51 8.21
C TYR B 264 -13.77 -12.41 7.58
N ASN B 265 -15.02 -12.04 7.81
CA ASN B 265 -16.16 -12.83 7.33
C ASN B 265 -16.22 -14.21 7.99
N LEU B 266 -15.77 -14.32 9.23
CA LEU B 266 -15.80 -15.57 9.98
C LEU B 266 -16.87 -15.45 11.05
N ASP B 267 -18.07 -15.01 10.65
CA ASP B 267 -19.08 -14.52 11.58
C ASP B 267 -20.40 -15.30 11.47
N ASN B 268 -20.35 -16.53 10.95
CA ASN B 268 -21.47 -17.45 11.01
C ASN B 268 -20.92 -18.86 10.89
N ALA B 269 -21.34 -19.74 11.80
CA ALA B 269 -20.76 -21.08 11.93
C ALA B 269 -20.77 -21.89 10.64
N ASN B 270 -21.66 -21.55 9.69
CA ASN B 270 -21.95 -22.42 8.55
C ASN B 270 -21.27 -21.98 7.26
N TYR B 271 -20.61 -20.83 7.25
CA TYR B 271 -19.95 -20.29 6.07
C TYR B 271 -18.82 -21.19 5.58
N ALA B 272 -18.71 -21.33 4.27
CA ALA B 272 -17.61 -22.09 3.67
C ALA B 272 -16.23 -21.50 3.99
N LYS B 273 -16.16 -20.24 4.43
CA LYS B 273 -14.87 -19.66 4.82
C LYS B 273 -14.45 -20.17 6.21
N VAL B 274 -15.39 -20.16 7.17
CA VAL B 274 -15.15 -20.79 8.47
C VAL B 274 -14.78 -22.27 8.32
N THR B 275 -15.65 -23.06 7.67
CA THR B 275 -15.56 -24.52 7.76
C THR B 275 -14.60 -25.11 6.73
N ARG B 276 -14.80 -24.79 5.46
CA ARG B 276 -14.00 -25.40 4.42
C ARG B 276 -12.64 -24.71 4.25
N GLY B 277 -12.47 -23.53 4.83
CA GLY B 277 -11.21 -22.82 4.74
C GLY B 277 -10.42 -22.83 6.03
N MET B 278 -10.89 -22.08 7.03
CA MET B 278 -10.15 -21.86 8.26
C MET B 278 -9.93 -23.15 9.05
N VAL B 279 -11.02 -23.78 9.52
CA VAL B 279 -10.88 -24.95 10.39
C VAL B 279 -10.13 -26.06 9.68
N GLU B 280 -10.55 -26.39 8.46
CA GLU B 280 -10.02 -27.55 7.77
C GLU B 280 -8.52 -27.38 7.47
N LYS B 281 -8.11 -26.21 6.96
CA LYS B 281 -6.73 -26.02 6.52
C LYS B 281 -5.77 -25.81 7.69
N VAL B 282 -6.27 -25.28 8.81
CA VAL B 282 -5.44 -25.14 10.01
C VAL B 282 -5.00 -26.51 10.51
N ASN B 283 -5.95 -27.45 10.60
CA ASN B 283 -5.64 -28.77 11.13
C ASN B 283 -4.68 -29.51 10.20
N ARG B 284 -4.90 -29.41 8.90
CA ARG B 284 -4.00 -29.97 7.91
C ARG B 284 -2.58 -29.47 8.10
N TRP B 285 -2.42 -28.15 8.37
CA TRP B 285 -1.12 -27.54 8.59
C TRP B 285 -0.59 -27.84 9.99
N VAL B 286 -1.44 -27.79 11.01
CA VAL B 286 -1.04 -28.20 12.34
C VAL B 286 -0.47 -29.63 12.32
N SER B 287 -1.16 -30.53 11.61
CA SER B 287 -0.73 -31.94 11.53
C SER B 287 0.63 -32.11 10.86
N GLN B 288 0.97 -31.30 9.86
CA GLN B 288 2.30 -31.41 9.28
C GLN B 288 3.32 -30.51 9.99
N GLY B 289 3.02 -30.15 11.26
CA GLY B 289 4.02 -29.54 12.14
C GLY B 289 4.26 -28.07 11.95
N VAL B 290 3.26 -27.30 11.50
CA VAL B 290 3.41 -25.87 11.29
C VAL B 290 2.90 -25.21 12.57
N PRO B 291 3.61 -24.18 13.10
CA PRO B 291 3.40 -23.73 14.49
C PRO B 291 2.35 -22.63 14.68
N ILE B 292 1.07 -22.94 14.43
CA ILE B 292 0.01 -21.95 14.64
C ILE B 292 -0.49 -22.06 16.07
N ASP B 293 -0.52 -20.94 16.79
CA ASP B 293 -1.06 -20.96 18.15
C ASP B 293 -2.48 -20.45 18.27
N GLY B 294 -2.99 -19.74 17.27
CA GLY B 294 -4.25 -19.02 17.46
C GLY B 294 -4.91 -18.70 16.13
N ILE B 295 -6.17 -18.25 16.26
CA ILE B 295 -6.99 -17.84 15.13
C ILE B 295 -7.67 -16.54 15.51
N GLY B 296 -7.60 -15.54 14.62
CA GLY B 296 -8.23 -14.24 14.83
C GLY B 296 -9.42 -14.03 13.90
N SER B 297 -10.52 -13.54 14.47
CA SER B 297 -11.71 -13.19 13.73
C SER B 297 -11.85 -11.67 13.80
N GLN B 298 -11.78 -10.99 12.64
CA GLN B 298 -11.81 -9.53 12.69
C GLN B 298 -13.14 -9.02 13.24
N CYS B 299 -14.24 -9.69 12.91
CA CYS B 299 -15.58 -9.25 13.26
C CYS B 299 -15.84 -7.80 12.84
N HIS B 300 -15.66 -7.55 11.54
CA HIS B 300 -16.16 -6.32 10.92
C HIS B 300 -17.62 -6.59 10.57
N LEU B 301 -18.52 -5.97 11.34
CA LEU B 301 -19.85 -6.51 11.56
C LEU B 301 -20.90 -5.64 10.90
N ALA B 302 -21.93 -6.29 10.36
CA ALA B 302 -23.04 -5.57 9.76
C ALA B 302 -23.87 -4.90 10.86
N ALA B 303 -24.75 -3.99 10.44
CA ALA B 303 -25.77 -3.46 11.33
C ALA B 303 -26.69 -4.60 11.77
N PRO B 304 -27.47 -4.42 12.87
CA PRO B 304 -28.40 -5.49 13.27
C PRO B 304 -29.35 -5.86 12.15
N GLY B 305 -29.06 -6.98 11.47
CA GLY B 305 -29.91 -7.38 10.37
C GLY B 305 -29.19 -7.89 9.13
N GLY B 306 -27.97 -7.43 8.89
CA GLY B 306 -27.30 -7.65 7.63
C GLY B 306 -26.79 -9.04 7.34
N TRP B 307 -25.91 -9.10 6.32
CA TRP B 307 -25.21 -10.35 6.00
C TRP B 307 -24.24 -10.80 7.10
N ASN B 308 -23.70 -9.85 7.88
CA ASN B 308 -22.74 -10.07 8.97
C ASN B 308 -23.24 -9.59 10.34
N PRO B 309 -24.32 -10.16 10.82
CA PRO B 309 -24.83 -9.69 12.09
C PRO B 309 -24.16 -10.47 13.20
N ALA B 310 -24.12 -9.85 14.38
CA ALA B 310 -23.36 -10.44 15.47
C ALA B 310 -24.05 -11.67 16.06
N SER B 311 -25.38 -11.78 15.93
CA SER B 311 -25.98 -12.86 16.69
C SER B 311 -25.64 -14.25 16.14
N GLN B 312 -24.91 -14.35 15.03
CA GLN B 312 -24.31 -15.63 14.63
C GLN B 312 -22.80 -15.67 14.88
N VAL B 313 -22.24 -14.63 15.52
CA VAL B 313 -20.83 -14.67 15.93
C VAL B 313 -20.58 -15.77 16.96
N PRO B 314 -21.37 -15.87 18.08
CA PRO B 314 -21.19 -16.99 19.03
C PRO B 314 -21.00 -18.35 18.37
N GLY B 315 -21.83 -18.72 17.40
CA GLY B 315 -21.65 -20.00 16.75
C GLY B 315 -20.37 -20.09 15.94
N ALA B 316 -19.97 -19.00 15.28
CA ALA B 316 -18.77 -19.01 14.46
C ALA B 316 -17.50 -19.08 15.30
N LEU B 317 -17.42 -18.29 16.37
CA LEU B 317 -16.27 -18.43 17.26
C LEU B 317 -16.19 -19.84 17.83
N ARG B 318 -17.36 -20.42 18.20
CA ARG B 318 -17.36 -21.76 18.76
C ARG B 318 -16.85 -22.80 17.79
N ALA B 319 -17.20 -22.66 16.50
CA ALA B 319 -16.64 -23.55 15.51
C ALA B 319 -15.15 -23.32 15.32
N LEU B 320 -14.69 -22.07 15.54
CA LEU B 320 -13.26 -21.78 15.41
C LEU B 320 -12.47 -22.41 16.55
N ALA B 321 -12.94 -22.22 17.80
CA ALA B 321 -12.33 -22.88 18.95
C ALA B 321 -12.18 -24.36 18.66
N GLY B 322 -13.19 -24.92 18.02
CA GLY B 322 -13.21 -26.32 17.70
C GLY B 322 -12.01 -26.87 16.96
N ALA B 323 -11.08 -26.03 16.53
CA ALA B 323 -9.95 -26.52 15.76
C ALA B 323 -8.69 -26.68 16.63
N ASN B 324 -7.70 -27.34 16.02
CA ASN B 324 -6.48 -27.75 16.69
C ASN B 324 -5.53 -26.61 17.02
N VAL B 325 -6.02 -25.54 17.67
CA VAL B 325 -5.18 -24.42 18.10
C VAL B 325 -5.51 -24.06 19.54
N LYS B 326 -4.53 -23.45 20.24
CA LYS B 326 -4.67 -23.22 21.67
C LYS B 326 -5.61 -22.06 22.02
N GLU B 327 -5.79 -21.09 21.11
CA GLU B 327 -6.51 -19.86 21.46
C GLU B 327 -7.13 -19.22 20.23
N ILE B 328 -8.05 -18.28 20.47
CA ILE B 328 -8.64 -17.46 19.42
C ILE B 328 -8.85 -16.05 19.96
N ALA B 329 -9.10 -15.09 19.06
CA ALA B 329 -9.27 -13.71 19.52
C ALA B 329 -10.05 -12.94 18.46
N VAL B 330 -10.91 -12.03 18.89
CA VAL B 330 -11.51 -11.14 17.90
C VAL B 330 -10.64 -9.88 17.83
N THR B 331 -10.13 -9.61 16.62
CA THR B 331 -8.96 -8.79 16.39
C THR B 331 -9.25 -7.39 15.85
N GLU B 332 -10.37 -7.17 15.16
CA GLU B 332 -10.65 -5.85 14.57
C GLU B 332 -12.13 -5.49 14.66
N LEU B 333 -12.71 -5.61 15.86
CA LEU B 333 -14.16 -5.55 15.99
C LEU B 333 -14.71 -4.14 15.86
N ASP B 334 -15.59 -3.94 14.87
CA ASP B 334 -16.54 -2.82 14.83
C ASP B 334 -17.91 -3.35 14.40
N ILE B 335 -18.94 -2.56 14.72
CA ILE B 335 -20.35 -2.95 14.58
C ILE B 335 -21.14 -1.74 14.12
N ALA B 336 -21.65 -1.77 12.89
CA ALA B 336 -22.41 -0.64 12.36
C ALA B 336 -23.50 -0.22 13.33
N GLY B 337 -23.63 1.09 13.53
CA GLY B 337 -24.66 1.59 14.42
C GLY B 337 -24.25 1.55 15.87
N ALA B 338 -23.38 0.59 16.23
CA ALA B 338 -22.78 0.51 17.56
C ALA B 338 -23.85 0.27 18.62
N ALA B 339 -24.58 -0.82 18.44
CA ALA B 339 -25.77 -1.07 19.23
C ALA B 339 -25.38 -1.54 20.64
N ALA B 340 -25.91 -0.84 21.64
CA ALA B 340 -25.69 -1.22 23.03
C ALA B 340 -25.76 -2.73 23.22
N ASN B 341 -26.86 -3.36 22.79
CA ASN B 341 -27.04 -4.79 22.94
C ASN B 341 -26.25 -5.63 21.94
N ASP B 342 -25.74 -5.04 20.85
CA ASP B 342 -25.05 -5.84 19.84
C ASP B 342 -23.59 -6.12 20.25
N TYR B 343 -22.91 -5.12 20.83
CA TYR B 343 -21.60 -5.35 21.43
C TYR B 343 -21.68 -6.42 22.52
N LEU B 344 -22.55 -6.20 23.52
CA LEU B 344 -22.85 -7.14 24.60
C LEU B 344 -22.83 -8.59 24.14
N THR B 345 -23.39 -8.83 22.96
CA THR B 345 -23.47 -10.19 22.42
C THR B 345 -22.10 -10.76 22.11
N VAL B 346 -21.15 -9.93 21.65
CA VAL B 346 -19.87 -10.43 21.17
C VAL B 346 -18.94 -10.73 22.34
N MET B 347 -18.88 -9.80 23.29
CA MET B 347 -18.16 -9.99 24.54
C MET B 347 -18.46 -11.35 25.20
N ASN B 348 -19.75 -11.67 25.37
CA ASN B 348 -20.14 -12.89 26.06
C ASN B 348 -19.81 -14.14 25.24
N ALA B 349 -19.84 -14.03 23.91
CA ALA B 349 -19.36 -15.15 23.11
C ALA B 349 -17.94 -15.51 23.52
N CYS B 350 -17.07 -14.48 23.65
CA CYS B 350 -15.71 -14.65 24.15
C CYS B 350 -15.69 -14.83 25.67
N LEU B 351 -16.47 -14.04 26.42
CA LEU B 351 -16.57 -14.20 27.86
C LEU B 351 -16.92 -15.64 28.27
N GLN B 352 -17.42 -16.46 27.35
CA GLN B 352 -17.79 -17.84 27.67
C GLN B 352 -17.02 -18.87 26.87
N ILE B 353 -16.11 -18.48 25.98
CA ILE B 353 -15.29 -19.44 25.24
C ILE B 353 -13.88 -19.36 25.83
N GLU B 354 -13.44 -20.45 26.47
CA GLU B 354 -12.22 -20.37 27.26
C GLU B 354 -10.96 -20.35 26.40
N LYS B 355 -11.08 -20.70 25.11
CA LYS B 355 -9.97 -20.56 24.17
C LYS B 355 -9.75 -19.12 23.71
N CYS B 356 -10.66 -18.20 23.99
CA CYS B 356 -10.60 -16.87 23.40
C CYS B 356 -9.87 -15.99 24.38
N VAL B 357 -8.65 -15.58 24.02
CA VAL B 357 -7.80 -14.84 24.95
C VAL B 357 -8.23 -13.38 25.15
N GLY B 358 -8.84 -12.75 24.16
CA GLY B 358 -9.01 -11.31 24.23
C GLY B 358 -9.68 -10.74 22.99
N ILE B 359 -10.03 -9.45 23.07
CA ILE B 359 -10.79 -8.81 22.00
C ILE B 359 -10.30 -7.38 21.77
N THR B 360 -10.18 -6.97 20.51
CA THR B 360 -9.70 -5.61 20.22
C THR B 360 -10.59 -4.91 19.19
N VAL B 361 -11.11 -3.73 19.57
CA VAL B 361 -11.90 -2.88 18.67
C VAL B 361 -10.97 -2.13 17.71
N TRP B 362 -11.45 -1.92 16.49
CA TRP B 362 -10.60 -1.32 15.45
C TRP B 362 -10.74 0.20 15.44
N GLY B 363 -10.34 0.83 16.55
CA GLY B 363 -10.35 2.27 16.66
C GLY B 363 -11.01 2.79 17.92
N VAL B 364 -10.70 4.01 18.34
CA VAL B 364 -11.28 4.54 19.57
C VAL B 364 -12.59 5.25 19.24
N SER B 365 -12.54 6.27 18.39
CA SER B 365 -13.69 7.10 18.10
C SER B 365 -14.26 6.84 16.71
N ASP B 366 -15.57 7.10 16.58
CA ASP B 366 -16.25 7.02 15.29
C ASP B 366 -15.59 7.94 14.26
N LYS B 367 -15.18 9.13 14.71
CA LYS B 367 -14.58 10.12 13.82
C LYS B 367 -13.38 9.57 13.06
N ASP B 368 -12.64 8.64 13.65
CA ASP B 368 -11.41 8.16 13.05
C ASP B 368 -11.57 6.83 12.31
N SER B 369 -12.74 6.20 12.38
CA SER B 369 -12.91 4.83 11.89
C SER B 369 -12.89 4.76 10.37
N TRP B 370 -12.40 3.64 9.87
CA TRP B 370 -12.39 3.43 8.43
C TRP B 370 -13.83 3.26 7.83
N ARG B 371 -14.86 3.38 8.68
CA ARG B 371 -16.27 3.19 8.32
C ARG B 371 -17.01 4.51 8.58
N GLN B 372 -17.20 5.27 7.51
CA GLN B 372 -17.68 6.64 7.61
C GLN B 372 -19.10 6.69 8.15
N GLY B 373 -20.01 6.02 7.47
CA GLY B 373 -21.42 6.15 7.81
C GLY B 373 -21.85 5.32 8.99
N ASP B 374 -21.06 4.34 9.37
CA ASP B 374 -21.56 3.30 10.27
C ASP B 374 -21.48 3.70 11.74
N ASN B 375 -20.67 4.69 12.10
CA ASN B 375 -20.45 5.10 13.48
C ASN B 375 -20.31 3.86 14.40
N PRO B 376 -19.32 3.00 14.12
CA PRO B 376 -19.37 1.63 14.66
C PRO B 376 -18.54 1.36 15.91
N LEU B 377 -18.08 2.41 16.59
CA LEU B 377 -17.16 2.23 17.70
C LEU B 377 -17.76 2.78 19.00
N LEU B 378 -17.08 2.47 20.12
CA LEU B 378 -17.58 2.71 21.47
C LEU B 378 -17.48 4.16 21.90
N PHE B 379 -16.84 5.03 21.13
CA PHE B 379 -16.74 6.44 21.48
C PHE B 379 -17.19 7.32 20.32
N ASP B 380 -17.75 8.48 20.68
CA ASP B 380 -18.43 9.33 19.72
C ASP B 380 -17.42 10.30 19.08
N ASN B 381 -17.93 11.30 18.36
CA ASN B 381 -17.07 12.22 17.64
C ASN B 381 -16.34 13.16 18.58
N ASN B 382 -16.81 13.32 19.81
CA ASN B 382 -16.08 14.14 20.78
C ASN B 382 -15.40 13.28 21.84
N TYR B 383 -14.96 12.08 21.45
CA TYR B 383 -14.19 11.19 22.30
C TYR B 383 -14.89 11.02 23.65
N GLN B 384 -16.20 10.82 23.55
CA GLN B 384 -17.07 10.57 24.68
C GLN B 384 -17.63 9.17 24.58
N PRO B 385 -17.76 8.45 25.69
CA PRO B 385 -18.24 7.07 25.62
C PRO B 385 -19.66 7.02 25.09
N LYS B 386 -19.92 6.03 24.24
CA LYS B 386 -21.26 5.81 23.74
C LYS B 386 -22.03 4.88 24.68
N ALA B 387 -23.35 4.95 24.57
CA ALA B 387 -24.22 4.04 25.30
C ALA B 387 -23.73 2.60 25.23
N ALA B 388 -23.15 2.19 24.10
CA ALA B 388 -22.56 0.86 24.07
C ALA B 388 -21.44 0.74 25.09
N TYR B 389 -20.53 1.73 25.16
CA TYR B 389 -19.40 1.65 26.10
C TYR B 389 -19.90 1.49 27.53
N HIS B 390 -20.81 2.35 27.97
CA HIS B 390 -21.37 2.23 29.32
C HIS B 390 -22.00 0.86 29.54
N ALA B 391 -22.70 0.33 28.54
CA ALA B 391 -23.32 -0.99 28.69
C ALA B 391 -22.28 -2.07 28.95
N LEU B 392 -21.17 -2.06 28.20
CA LEU B 392 -20.15 -3.08 28.42
C LEU B 392 -19.50 -2.93 29.80
N VAL B 393 -19.40 -1.70 30.31
CA VAL B 393 -18.94 -1.46 31.69
C VAL B 393 -19.79 -2.28 32.66
N ASN B 394 -21.11 -2.01 32.66
CA ASN B 394 -21.97 -2.51 33.71
C ASN B 394 -22.20 -4.00 33.60
N ALA B 395 -21.93 -4.61 32.45
CA ALA B 395 -22.01 -6.06 32.39
C ALA B 395 -20.94 -6.75 33.25
N LEU B 396 -20.00 -6.02 33.83
CA LEU B 396 -19.00 -6.63 34.71
C LEU B 396 -18.78 -5.85 36.03
#